data_6C30
#
_entry.id   6C30
#
_cell.length_a   56.414
_cell.length_b   79.408
_cell.length_c   116.156
_cell.angle_alpha   90.00
_cell.angle_beta   90.00
_cell.angle_gamma   90.00
#
_symmetry.space_group_name_H-M   'P 21 21 21'
#
loop_
_entity.id
_entity.type
_entity.pdbx_description
1 polymer 'GNAT family acetyltransferase'
2 non-polymer GLYCEROL
3 non-polymer 'CHLORIDE ION'
4 water water
#
_entity_poly.entity_id   1
_entity_poly.type   'polypeptide(L)'
_entity_poly.pdbx_seq_one_letter_code
;MGILRASAVHPGWPDTVGPLRVPAGVVGLRPVRMRDAAAWSRIRLADQHHLEPWEPMTGMDWKVRHAVTSWPSICSGLRA
EARHGRMLPFVIELDGEFVGQLTIGNVTHGALRSAWIGYWVASSRTGGGIATAALAMGLDHCFTAVQLHRIEATVRPENT
PSRAVLAHVGFREEGLLKRYLEVDGAWRDHLLVAITAEELPQSAAHRLVAAGRAEWCAAA
;
_entity_poly.pdbx_strand_id   A,B
#
loop_
_chem_comp.id
_chem_comp.type
_chem_comp.name
_chem_comp.formula
CL non-polymer 'CHLORIDE ION' 'Cl -1'
GOL non-polymer GLYCEROL 'C3 H8 O3'
#
# COMPACT_ATOMS: atom_id res chain seq x y z
N SER A 7 3.63 7.69 20.88
CA SER A 7 4.70 8.28 20.09
C SER A 7 4.16 9.19 18.99
N ALA A 8 5.01 10.09 18.51
CA ALA A 8 4.69 10.84 17.30
C ALA A 8 4.90 9.92 16.12
N VAL A 9 6.00 9.17 16.16
CA VAL A 9 6.40 8.30 15.05
C VAL A 9 5.58 7.02 15.02
N HIS A 10 5.29 6.46 16.19
CA HIS A 10 4.55 5.20 16.23
C HIS A 10 3.43 5.20 17.27
N PRO A 11 2.37 5.99 17.02
CA PRO A 11 1.25 6.05 17.96
C PRO A 11 0.63 4.67 18.19
N GLY A 12 0.30 4.35 19.44
CA GLY A 12 -0.35 3.09 19.74
C GLY A 12 0.60 1.91 19.80
N TRP A 13 1.90 2.18 19.74
CA TRP A 13 2.92 1.12 19.80
C TRP A 13 4.07 1.51 20.71
N PRO A 14 4.55 0.58 21.56
CA PRO A 14 3.95 -0.73 21.84
C PRO A 14 2.76 -0.60 22.78
N ASP A 15 1.87 -1.57 22.75
CA ASP A 15 0.70 -1.56 23.62
C ASP A 15 0.14 -2.97 23.68
N THR A 16 -0.77 -3.19 24.61
CA THR A 16 -1.58 -4.39 24.62
C THR A 16 -3.02 -4.01 24.26
N VAL A 17 -3.81 -5.00 23.86
CA VAL A 17 -5.22 -4.78 23.58
C VAL A 17 -6.00 -5.87 24.30
N GLY A 18 -7.15 -5.50 24.88
CA GLY A 18 -7.88 -6.43 25.71
C GLY A 18 -7.37 -6.35 27.14
N PRO A 19 -7.57 -7.42 27.93
CA PRO A 19 -8.16 -8.70 27.54
C PRO A 19 -9.68 -8.68 27.40
N LEU A 20 -10.17 -9.65 26.65
CA LEU A 20 -11.61 -9.90 26.52
C LEU A 20 -11.89 -11.28 27.04
N ARG A 21 -13.10 -11.50 27.54
CA ARG A 21 -13.54 -12.87 27.71
C ARG A 21 -14.59 -13.14 26.64
N VAL A 22 -14.32 -14.15 25.82
CA VAL A 22 -15.18 -14.55 24.70
C VAL A 22 -15.41 -16.06 24.85
N PRO A 23 -16.27 -16.66 24.01
CA PRO A 23 -16.53 -18.11 24.19
C PRO A 23 -15.28 -18.99 24.27
N ALA A 24 -14.23 -18.67 23.52
CA ALA A 24 -13.05 -19.50 23.51
C ALA A 24 -12.22 -19.41 24.80
N GLY A 25 -12.35 -18.30 25.52
CA GLY A 25 -11.58 -18.07 26.72
C GLY A 25 -11.17 -16.61 26.84
N VAL A 26 -10.05 -16.38 27.52
CA VAL A 26 -9.54 -15.02 27.62
C VAL A 26 -8.64 -14.74 26.42
N VAL A 27 -8.97 -13.72 25.64
CA VAL A 27 -8.15 -13.38 24.48
CA VAL A 27 -8.16 -13.37 24.48
C VAL A 27 -7.60 -11.96 24.60
N GLY A 28 -6.39 -11.75 24.10
CA GLY A 28 -5.77 -10.44 24.12
C GLY A 28 -4.73 -10.35 23.03
N LEU A 29 -4.29 -9.12 22.75
CA LEU A 29 -3.17 -8.86 21.82
C LEU A 29 -2.01 -8.26 22.58
N ARG A 30 -0.80 -8.70 22.27
CA ARG A 30 0.38 -8.04 22.83
C ARG A 30 1.54 -8.13 21.84
N PRO A 31 2.58 -7.32 22.01
CA PRO A 31 3.67 -7.31 21.00
C PRO A 31 4.40 -8.64 20.82
N VAL A 32 4.78 -8.96 19.60
CA VAL A 32 5.73 -10.05 19.35
C VAL A 32 6.99 -9.85 20.19
N ARG A 33 7.59 -10.94 20.60
CA ARG A 33 8.84 -10.85 21.34
C ARG A 33 9.71 -12.06 21.06
N MET A 34 11.00 -11.95 21.38
CA MET A 34 11.95 -13.02 21.04
C MET A 34 11.59 -14.37 21.65
N ARG A 35 11.04 -14.37 22.87
CA ARG A 35 10.70 -15.63 23.52
C ARG A 35 9.55 -16.38 22.85
N ASP A 36 8.94 -15.78 21.83
CA ASP A 36 7.91 -16.48 21.07
C ASP A 36 8.45 -17.52 20.11
N ALA A 37 9.78 -17.62 19.96
CA ALA A 37 10.35 -18.49 18.94
C ALA A 37 9.83 -19.90 19.02
N ALA A 38 9.79 -20.48 20.22
CA ALA A 38 9.43 -21.89 20.33
C ALA A 38 7.99 -22.15 19.92
N ALA A 39 7.06 -21.33 20.38
CA ALA A 39 5.65 -21.56 20.06
C ALA A 39 5.37 -21.23 18.60
N TRP A 40 5.89 -20.10 18.12
CA TRP A 40 5.72 -19.72 16.73
C TRP A 40 6.22 -20.83 15.81
N SER A 41 7.42 -21.32 16.07
CA SER A 41 8.00 -22.37 15.24
C SER A 41 7.18 -23.64 15.32
N ARG A 42 6.87 -24.08 16.53
CA ARG A 42 6.13 -25.32 16.70
CA ARG A 42 6.14 -25.33 16.69
C ARG A 42 4.81 -25.28 15.93
N ILE A 43 4.06 -24.21 16.12
CA ILE A 43 2.74 -24.12 15.50
C ILE A 43 2.84 -23.93 13.98
N ARG A 44 3.72 -23.05 13.51
CA ARG A 44 3.80 -22.79 12.07
C ARG A 44 4.29 -24.03 11.33
N LEU A 45 5.17 -24.81 11.95
CA LEU A 45 5.62 -26.05 11.32
C LEU A 45 4.49 -27.08 11.30
N ALA A 46 3.76 -27.21 12.41
CA ALA A 46 2.69 -28.20 12.48
C ALA A 46 1.57 -27.86 11.52
N ASP A 47 1.35 -26.55 11.33
CA ASP A 47 0.24 -26.07 10.50
C ASP A 47 0.64 -25.73 9.07
N GLN A 48 1.81 -26.18 8.64
CA GLN A 48 2.30 -25.89 7.30
C GLN A 48 1.21 -26.03 6.23
N HIS A 49 0.49 -27.14 6.24
CA HIS A 49 -0.43 -27.39 5.14
C HIS A 49 -1.75 -26.66 5.27
N HIS A 50 -2.02 -26.10 6.43
CA HIS A 50 -3.15 -25.19 6.59
C HIS A 50 -2.82 -23.78 6.19
N LEU A 51 -1.53 -23.41 6.30
CA LEU A 51 -1.11 -22.03 6.10
C LEU A 51 -0.52 -21.78 4.72
N GLU A 52 0.30 -22.72 4.24
CA GLU A 52 1.06 -22.48 3.01
C GLU A 52 0.20 -22.22 1.75
N PRO A 53 -0.98 -22.84 1.61
CA PRO A 53 -1.75 -22.50 0.40
C PRO A 53 -2.18 -21.04 0.32
N TRP A 54 -2.09 -20.31 1.44
CA TRP A 54 -2.63 -18.96 1.54
C TRP A 54 -1.56 -17.91 1.83
N GLU A 55 -0.33 -18.37 1.98
CA GLU A 55 0.78 -17.54 2.46
C GLU A 55 1.57 -16.93 1.32
N PRO A 56 1.86 -15.61 1.38
CA PRO A 56 2.77 -15.07 0.37
C PRO A 56 4.09 -15.83 0.39
N MET A 57 4.64 -16.10 -0.79
CA MET A 57 5.83 -16.92 -0.92
C MET A 57 7.07 -16.20 -0.39
N THR A 58 7.98 -16.97 0.21
CA THR A 58 9.19 -16.42 0.81
C THR A 58 10.44 -16.78 0.03
N GLY A 59 10.32 -17.71 -0.90
CA GLY A 59 11.45 -18.16 -1.68
C GLY A 59 12.32 -19.15 -0.95
N MET A 60 11.82 -19.68 0.16
CA MET A 60 12.58 -20.71 0.84
C MET A 60 11.67 -21.80 1.37
N ASP A 61 12.29 -22.91 1.74
CA ASP A 61 11.55 -24.05 2.24
C ASP A 61 10.82 -23.66 3.52
N TRP A 62 9.59 -24.12 3.66
CA TRP A 62 8.76 -23.81 4.83
C TRP A 62 9.46 -24.17 6.12
N LYS A 63 10.16 -25.30 6.14
CA LYS A 63 10.76 -25.80 7.37
C LYS A 63 12.00 -24.99 7.73
N VAL A 64 12.63 -24.37 6.73
CA VAL A 64 13.77 -23.51 6.98
C VAL A 64 13.27 -22.18 7.52
N ARG A 65 12.26 -21.62 6.86
CA ARG A 65 11.68 -20.35 7.25
C ARG A 65 11.16 -20.38 8.68
N HIS A 66 10.58 -21.50 9.09
CA HIS A 66 9.92 -21.55 10.38
C HIS A 66 10.64 -22.35 11.45
N ALA A 67 11.92 -22.59 11.23
CA ALA A 67 12.79 -23.14 12.26
C ALA A 67 12.89 -22.14 13.43
N VAL A 68 13.12 -22.65 14.63
CA VAL A 68 13.16 -21.79 15.82
C VAL A 68 14.26 -20.73 15.70
N THR A 69 15.36 -21.06 15.03
CA THR A 69 16.45 -20.09 14.91
C THR A 69 16.18 -19.02 13.85
N SER A 70 15.09 -19.16 13.10
CA SER A 70 14.68 -18.12 12.15
C SER A 70 13.91 -16.97 12.79
N TRP A 71 13.36 -17.19 13.99
CA TRP A 71 12.50 -16.18 14.58
C TRP A 71 13.22 -14.86 14.93
N PRO A 72 14.45 -14.91 15.51
CA PRO A 72 15.02 -13.63 15.93
C PRO A 72 15.11 -12.58 14.80
N SER A 73 15.55 -12.95 13.60
CA SER A 73 15.60 -11.96 12.55
C SER A 73 14.20 -11.49 12.09
N ILE A 74 13.24 -12.41 12.10
CA ILE A 74 11.88 -12.04 11.72
C ILE A 74 11.29 -11.09 12.77
N CYS A 75 11.42 -11.46 14.03
CA CYS A 75 10.92 -10.63 15.11
C CYS A 75 11.60 -9.26 15.13
N SER A 76 12.92 -9.24 14.96
CA SER A 76 13.64 -7.97 14.93
CA SER A 76 13.66 -7.99 14.91
C SER A 76 13.16 -7.09 13.77
N GLY A 77 12.94 -7.69 12.61
CA GLY A 77 12.43 -6.93 11.47
C GLY A 77 11.05 -6.34 11.72
N LEU A 78 10.16 -7.15 12.29
CA LEU A 78 8.81 -6.66 12.64
C LEU A 78 8.87 -5.50 13.63
N ARG A 79 9.70 -5.67 14.66
CA ARG A 79 9.82 -4.64 15.69
C ARG A 79 10.49 -3.38 15.14
N ALA A 80 11.42 -3.53 14.20
CA ALA A 80 12.04 -2.37 13.56
C ALA A 80 11.00 -1.57 12.75
N GLU A 81 10.18 -2.27 11.97
CA GLU A 81 9.12 -1.57 11.24
C GLU A 81 8.16 -0.87 12.19
N ALA A 82 7.87 -1.49 13.32
CA ALA A 82 6.98 -0.88 14.29
C ALA A 82 7.59 0.38 14.91
N ARG A 83 8.90 0.33 15.12
CA ARG A 83 9.63 1.48 15.66
C ARG A 83 9.55 2.68 14.71
N HIS A 84 9.39 2.40 13.42
CA HIS A 84 9.26 3.44 12.41
C HIS A 84 7.80 3.77 12.12
N GLY A 85 6.90 3.14 12.87
CA GLY A 85 5.48 3.44 12.76
C GLY A 85 4.81 2.87 11.53
N ARG A 86 5.43 1.88 10.89
CA ARG A 86 4.89 1.30 9.68
C ARG A 86 4.11 -0.01 9.89
N MET A 87 4.31 -0.64 11.05
CA MET A 87 3.63 -1.88 11.39
C MET A 87 3.30 -1.91 12.87
N LEU A 88 2.30 -2.72 13.23
CA LEU A 88 2.07 -3.09 14.63
C LEU A 88 1.92 -4.60 14.66
N PRO A 89 2.99 -5.30 15.03
CA PRO A 89 3.00 -6.77 15.02
C PRO A 89 2.60 -7.37 16.37
N PHE A 90 1.35 -7.83 16.47
CA PHE A 90 0.86 -8.45 17.70
C PHE A 90 0.82 -9.97 17.64
N VAL A 91 0.85 -10.54 18.83
CA VAL A 91 0.55 -11.95 19.06
C VAL A 91 -0.87 -12.04 19.61
N ILE A 92 -1.61 -13.04 19.13
CA ILE A 92 -2.92 -13.35 19.72
C ILE A 92 -2.69 -14.35 20.84
N GLU A 93 -3.13 -13.98 22.04
CA GLU A 93 -3.07 -14.87 23.20
C GLU A 93 -4.45 -15.44 23.51
N LEU A 94 -4.47 -16.74 23.81
CA LEU A 94 -5.63 -17.39 24.43
C LEU A 94 -5.17 -17.89 25.79
N ASP A 95 -5.79 -17.37 26.85
CA ASP A 95 -5.42 -17.73 28.22
C ASP A 95 -3.90 -17.62 28.40
N GLY A 96 -3.36 -16.53 27.85
CA GLY A 96 -1.94 -16.21 28.00
C GLY A 96 -1.00 -16.91 27.03
N GLU A 97 -1.50 -17.84 26.22
CA GLU A 97 -0.66 -18.62 25.32
C GLU A 97 -0.69 -18.08 23.91
N PHE A 98 0.48 -18.01 23.28
CA PHE A 98 0.59 -17.71 21.85
C PHE A 98 -0.27 -18.67 21.05
N VAL A 99 -1.25 -18.15 20.31
CA VAL A 99 -2.05 -19.02 19.43
C VAL A 99 -2.16 -18.46 18.02
N GLY A 100 -1.42 -17.39 17.72
CA GLY A 100 -1.41 -16.85 16.38
C GLY A 100 -0.90 -15.42 16.40
N GLN A 101 -1.11 -14.73 15.28
CA GLN A 101 -0.65 -13.35 15.14
C GLN A 101 -1.72 -12.48 14.54
N LEU A 102 -1.66 -11.20 14.89
CA LEU A 102 -2.52 -10.14 14.36
C LEU A 102 -1.56 -9.02 13.99
N THR A 103 -1.41 -8.77 12.69
CA THR A 103 -0.44 -7.81 12.22
C THR A 103 -1.09 -6.65 11.48
N ILE A 104 -0.78 -5.43 11.89
CA ILE A 104 -1.14 -4.22 11.15
C ILE A 104 0.07 -3.78 10.33
N GLY A 105 -0.13 -3.54 9.03
CA GLY A 105 0.99 -3.17 8.18
C GLY A 105 0.70 -2.06 7.19
N ASN A 106 1.76 -1.58 6.54
CA ASN A 106 1.66 -0.48 5.57
C ASN A 106 0.91 0.71 6.18
N VAL A 107 1.25 1.02 7.42
CA VAL A 107 0.58 2.10 8.14
C VAL A 107 0.97 3.46 7.56
N THR A 108 -0.04 4.26 7.24
CA THR A 108 0.19 5.64 6.80
C THR A 108 -0.63 6.59 7.65
N HIS A 109 -0.23 7.85 7.69
CA HIS A 109 -1.04 8.84 8.37
C HIS A 109 -1.40 9.93 7.36
N GLY A 110 -1.12 11.19 7.63
CA GLY A 110 -1.46 12.24 6.69
C GLY A 110 -2.92 12.29 6.30
N ALA A 111 -3.19 12.34 4.99
CA ALA A 111 -4.56 12.40 4.48
C ALA A 111 -5.10 11.02 4.11
N LEU A 112 -4.34 9.97 4.44
CA LEU A 112 -4.75 8.61 4.13
C LEU A 112 -5.16 7.87 5.41
N ARG A 113 -4.23 7.78 6.37
CA ARG A 113 -4.54 7.20 7.68
C ARG A 113 -5.12 5.81 7.52
N SER A 114 -4.42 4.97 6.78
CA SER A 114 -4.91 3.65 6.44
C SER A 114 -3.81 2.63 6.69
N ALA A 115 -4.20 1.36 6.79
CA ALA A 115 -3.27 0.26 6.98
C ALA A 115 -3.96 -1.02 6.56
N TRP A 116 -3.18 -2.08 6.36
CA TRP A 116 -3.81 -3.39 6.21
C TRP A 116 -3.72 -4.15 7.52
N ILE A 117 -4.57 -5.15 7.64
CA ILE A 117 -4.57 -6.05 8.79
C ILE A 117 -4.51 -7.49 8.26
N GLY A 118 -3.74 -8.33 8.94
CA GLY A 118 -3.68 -9.74 8.61
C GLY A 118 -3.63 -10.54 9.89
N TYR A 119 -3.94 -11.82 9.80
CA TYR A 119 -4.01 -12.66 10.99
C TYR A 119 -3.82 -14.11 10.63
N TRP A 120 -3.45 -14.90 11.62
CA TRP A 120 -3.57 -16.35 11.53
C TRP A 120 -3.73 -16.90 12.93
N VAL A 121 -4.44 -18.02 13.03
CA VAL A 121 -4.69 -18.70 14.30
C VAL A 121 -4.36 -20.19 14.14
N ALA A 122 -3.76 -20.76 15.18
CA ALA A 122 -3.45 -22.18 15.23
C ALA A 122 -4.66 -23.03 14.81
N SER A 123 -4.40 -24.02 13.95
CA SER A 123 -5.49 -24.79 13.32
C SER A 123 -6.38 -25.51 14.34
N SER A 124 -5.80 -25.95 15.45
CA SER A 124 -6.58 -26.65 16.46
C SER A 124 -7.52 -25.72 17.22
N ARG A 125 -7.38 -24.42 16.96
CA ARG A 125 -8.11 -23.40 17.70
C ARG A 125 -9.08 -22.61 16.82
N THR A 126 -9.14 -22.93 15.53
CA THR A 126 -9.93 -22.13 14.59
C THR A 126 -11.43 -22.43 14.72
N GLY A 127 -12.25 -21.53 14.18
CA GLY A 127 -13.69 -21.67 14.24
C GLY A 127 -14.24 -21.58 15.65
N GLY A 128 -13.65 -20.74 16.47
CA GLY A 128 -14.09 -20.58 17.86
C GLY A 128 -14.18 -19.13 18.31
N GLY A 129 -14.07 -18.19 17.37
CA GLY A 129 -14.17 -16.79 17.70
C GLY A 129 -12.86 -16.08 18.03
N ILE A 130 -11.74 -16.80 17.93
CA ILE A 130 -10.46 -16.17 18.27
C ILE A 130 -10.05 -15.16 17.20
N ALA A 131 -10.18 -15.54 15.93
CA ALA A 131 -9.80 -14.62 14.86
C ALA A 131 -10.72 -13.41 14.80
N THR A 132 -12.03 -13.61 14.96
CA THR A 132 -12.93 -12.46 14.95
C THR A 132 -12.64 -11.52 16.12
N ALA A 133 -12.33 -12.08 17.29
CA ALA A 133 -11.98 -11.26 18.43
C ALA A 133 -10.68 -10.48 18.20
N ALA A 134 -9.70 -11.15 17.60
CA ALA A 134 -8.42 -10.51 17.32
C ALA A 134 -8.59 -9.36 16.33
N LEU A 135 -9.33 -9.59 15.27
CA LEU A 135 -9.60 -8.53 14.31
C LEU A 135 -10.37 -7.37 14.94
N ALA A 136 -11.37 -7.69 15.75
CA ALA A 136 -12.16 -6.64 16.40
C ALA A 136 -11.31 -5.78 17.33
N MET A 137 -10.44 -6.43 18.09
CA MET A 137 -9.49 -5.71 18.95
C MET A 137 -8.54 -4.87 18.11
N GLY A 138 -8.06 -5.45 17.01
CA GLY A 138 -7.16 -4.72 16.13
C GLY A 138 -7.80 -3.45 15.60
N LEU A 139 -9.05 -3.59 15.13
CA LEU A 139 -9.79 -2.45 14.61
C LEU A 139 -9.97 -1.38 15.67
N ASP A 140 -10.37 -1.79 16.88
CA ASP A 140 -10.60 -0.81 17.92
C ASP A 140 -9.32 -0.04 18.22
N HIS A 141 -8.22 -0.78 18.33
CA HIS A 141 -6.93 -0.16 18.58
C HIS A 141 -6.51 0.79 17.45
N CYS A 142 -6.69 0.35 16.21
CA CYS A 142 -6.30 1.17 15.07
C CYS A 142 -7.10 2.46 14.97
N PHE A 143 -8.39 2.38 15.27
CA PHE A 143 -9.27 3.54 15.10
C PHE A 143 -9.25 4.46 16.31
N THR A 144 -8.53 4.05 17.36
CA THR A 144 -8.35 4.91 18.53
C THR A 144 -6.89 5.30 18.68
N ALA A 145 -6.11 4.41 19.32
CA ALA A 145 -4.70 4.70 19.63
C ALA A 145 -3.81 5.00 18.43
N VAL A 146 -4.02 4.32 17.31
CA VAL A 146 -3.15 4.51 16.14
C VAL A 146 -3.66 5.68 15.28
N GLN A 147 -4.83 6.19 15.62
CA GLN A 147 -5.42 7.38 14.98
C GLN A 147 -5.67 7.16 13.49
N LEU A 148 -5.99 5.94 13.12
CA LEU A 148 -6.25 5.63 11.72
C LEU A 148 -7.72 5.81 11.35
N HIS A 149 -7.95 6.00 10.06
CA HIS A 149 -9.28 6.20 9.49
C HIS A 149 -9.83 4.97 8.75
N ARG A 150 -8.93 4.09 8.31
CA ARG A 150 -9.33 2.98 7.45
C ARG A 150 -8.41 1.79 7.69
N ILE A 151 -9.01 0.60 7.70
CA ILE A 151 -8.24 -0.65 7.71
C ILE A 151 -8.76 -1.55 6.58
N GLU A 152 -7.82 -2.12 5.81
CA GLU A 152 -8.17 -3.03 4.74
C GLU A 152 -7.53 -4.39 4.96
N ALA A 153 -8.00 -5.38 4.21
CA ALA A 153 -7.41 -6.73 4.23
C ALA A 153 -7.55 -7.34 2.86
N THR A 154 -6.67 -8.29 2.55
CA THR A 154 -6.75 -9.01 1.29
C THR A 154 -6.93 -10.50 1.57
N VAL A 155 -7.72 -11.16 0.74
CA VAL A 155 -8.07 -12.56 0.99
C VAL A 155 -8.41 -13.21 -0.35
N ARG A 156 -7.89 -14.40 -0.61
CA ARG A 156 -8.21 -15.09 -1.85
C ARG A 156 -9.69 -15.43 -1.88
N PRO A 157 -10.32 -15.30 -3.07
CA PRO A 157 -11.73 -15.69 -3.19
C PRO A 157 -11.95 -17.12 -2.73
N GLU A 158 -10.95 -17.97 -2.90
CA GLU A 158 -11.05 -19.39 -2.55
C GLU A 158 -10.98 -19.64 -1.04
N ASN A 159 -10.56 -18.64 -0.28
CA ASN A 159 -10.38 -18.79 1.15
C ASN A 159 -11.70 -18.53 1.88
N THR A 160 -12.60 -19.50 1.78
CA THR A 160 -13.95 -19.33 2.32
C THR A 160 -13.99 -19.03 3.83
N PRO A 161 -13.20 -19.74 4.65
CA PRO A 161 -13.29 -19.40 6.08
C PRO A 161 -12.82 -17.98 6.41
N SER A 162 -11.76 -17.52 5.76
CA SER A 162 -11.26 -16.19 6.07
C SER A 162 -12.23 -15.11 5.59
N ARG A 163 -12.83 -15.32 4.42
CA ARG A 163 -13.86 -14.38 3.95
C ARG A 163 -15.00 -14.27 4.96
N ALA A 164 -15.37 -15.39 5.55
CA ALA A 164 -16.45 -15.38 6.54
C ALA A 164 -16.04 -14.65 7.81
N VAL A 165 -14.81 -14.88 8.27
CA VAL A 165 -14.30 -14.20 9.45
C VAL A 165 -14.29 -12.68 9.25
N LEU A 166 -13.76 -12.24 8.11
CA LEU A 166 -13.67 -10.82 7.81
C LEU A 166 -15.05 -10.18 7.66
N ALA A 167 -15.95 -10.86 6.96
CA ALA A 167 -17.30 -10.34 6.78
C ALA A 167 -18.01 -10.24 8.13
N HIS A 168 -17.76 -11.21 8.99
CA HIS A 168 -18.46 -11.26 10.28
C HIS A 168 -18.25 -10.00 11.10
N VAL A 169 -17.02 -9.48 11.14
CA VAL A 169 -16.75 -8.33 11.98
C VAL A 169 -17.06 -6.98 11.32
N GLY A 170 -17.37 -6.99 10.02
CA GLY A 170 -17.83 -5.76 9.38
C GLY A 170 -17.07 -5.30 8.14
N PHE A 171 -16.10 -6.08 7.69
CA PHE A 171 -15.39 -5.69 6.47
C PHE A 171 -16.31 -5.75 5.25
N ARG A 172 -16.18 -4.74 4.38
CA ARG A 172 -16.89 -4.65 3.10
C ARG A 172 -16.00 -5.07 1.94
N GLU A 173 -16.51 -5.85 0.99
CA GLU A 173 -15.77 -6.07 -0.25
C GLU A 173 -15.69 -4.77 -1.07
N GLU A 174 -14.47 -4.39 -1.47
CA GLU A 174 -14.27 -3.19 -2.27
C GLU A 174 -13.78 -3.49 -3.68
N GLY A 175 -13.12 -4.62 -3.88
CA GLY A 175 -12.61 -4.91 -5.20
C GLY A 175 -11.93 -6.24 -5.32
N LEU A 176 -11.50 -6.57 -6.53
CA LEU A 176 -10.78 -7.79 -6.81
C LEU A 176 -9.44 -7.42 -7.43
N LEU A 177 -8.37 -7.74 -6.71
CA LEU A 177 -7.02 -7.42 -7.13
C LEU A 177 -6.47 -8.58 -7.95
N LYS A 178 -6.34 -8.39 -9.25
CA LYS A 178 -5.90 -9.46 -10.13
C LYS A 178 -4.42 -9.81 -9.95
N ARG A 179 -4.12 -11.10 -9.82
CA ARG A 179 -2.73 -11.58 -9.79
C ARG A 179 -1.91 -10.80 -8.76
N TYR A 180 -2.50 -10.63 -7.58
CA TYR A 180 -2.03 -9.63 -6.62
C TYR A 180 -0.78 -10.08 -5.84
N LEU A 181 -0.82 -11.28 -5.27
CA LEU A 181 0.25 -11.76 -4.41
C LEU A 181 0.75 -13.11 -4.89
N GLU A 182 2.05 -13.34 -4.78
CA GLU A 182 2.63 -14.61 -5.17
C GLU A 182 2.37 -15.61 -4.06
N VAL A 183 1.47 -16.55 -4.31
CA VAL A 183 1.00 -17.50 -3.29
C VAL A 183 0.86 -18.87 -3.93
N ASP A 184 1.42 -19.89 -3.29
CA ASP A 184 1.25 -21.28 -3.73
C ASP A 184 1.65 -21.45 -5.21
N GLY A 185 2.72 -20.80 -5.62
CA GLY A 185 3.31 -21.09 -6.92
C GLY A 185 2.84 -20.25 -8.10
N ALA A 186 2.03 -19.24 -7.84
CA ALA A 186 1.55 -18.37 -8.92
C ALA A 186 1.06 -17.05 -8.34
N TRP A 187 0.91 -16.06 -9.21
CA TRP A 187 0.30 -14.79 -8.81
C TRP A 187 -1.21 -14.96 -8.71
N ARG A 188 -1.76 -14.77 -7.51
CA ARG A 188 -3.16 -15.11 -7.23
C ARG A 188 -4.05 -13.91 -6.98
N ASP A 189 -5.24 -13.91 -7.59
CA ASP A 189 -6.24 -12.88 -7.27
C ASP A 189 -6.52 -12.83 -5.78
N HIS A 190 -6.67 -11.63 -5.23
CA HIS A 190 -7.13 -11.43 -3.86
C HIS A 190 -8.25 -10.40 -3.84
N LEU A 191 -9.33 -10.70 -3.13
CA LEU A 191 -10.33 -9.70 -2.81
C LEU A 191 -9.73 -8.66 -1.88
N LEU A 192 -10.13 -7.41 -2.05
CA LEU A 192 -9.81 -6.35 -1.13
C LEU A 192 -11.06 -6.02 -0.32
N VAL A 193 -10.94 -6.08 1.00
CA VAL A 193 -12.05 -5.71 1.87
C VAL A 193 -11.61 -4.59 2.80
N ALA A 194 -12.55 -3.80 3.34
CA ALA A 194 -12.18 -2.63 4.10
C ALA A 194 -13.28 -2.18 5.05
N ILE A 195 -12.88 -1.41 6.05
CA ILE A 195 -13.83 -0.76 6.94
C ILE A 195 -13.22 0.58 7.35
N THR A 196 -14.05 1.61 7.53
CA THR A 196 -13.52 2.90 7.95
C THR A 196 -14.06 3.26 9.33
N ALA A 197 -13.42 4.24 9.97
CA ALA A 197 -13.69 4.55 11.37
C ALA A 197 -15.15 4.95 11.60
N GLU A 198 -15.76 5.61 10.63
CA GLU A 198 -17.18 5.99 10.72
C GLU A 198 -18.08 4.79 10.97
N GLU A 199 -17.66 3.61 10.50
CA GLU A 199 -18.48 2.41 10.58
C GLU A 199 -18.31 1.65 11.88
N LEU A 200 -17.32 2.03 12.67
CA LEU A 200 -17.00 1.22 13.87
C LEU A 200 -18.17 1.12 14.87
N PRO A 201 -18.80 2.25 15.27
CA PRO A 201 -19.86 2.13 16.29
C PRO A 201 -20.98 1.15 15.98
N GLN A 202 -21.40 1.07 14.72
CA GLN A 202 -22.51 0.19 14.35
C GLN A 202 -22.04 -1.19 13.92
N SER A 203 -20.75 -1.47 14.05
CA SER A 203 -20.19 -2.71 13.54
C SER A 203 -20.25 -3.86 14.54
N ALA A 204 -20.31 -5.08 14.01
CA ALA A 204 -20.19 -6.28 14.83
C ALA A 204 -18.87 -6.26 15.61
N ALA A 205 -17.82 -5.67 15.02
CA ALA A 205 -16.52 -5.60 15.70
C ALA A 205 -16.64 -4.84 17.02
N HIS A 206 -17.34 -3.71 17.00
CA HIS A 206 -17.51 -2.94 18.23
C HIS A 206 -18.34 -3.71 19.25
N ARG A 207 -19.40 -4.37 18.78
CA ARG A 207 -20.24 -5.13 19.70
C ARG A 207 -19.46 -6.27 20.34
N LEU A 208 -18.57 -6.89 19.57
CA LEU A 208 -17.78 -8.01 20.08
C LEU A 208 -16.85 -7.54 21.20
N VAL A 209 -16.14 -6.45 20.95
CA VAL A 209 -15.20 -5.93 21.93
C VAL A 209 -15.95 -5.45 23.19
N ALA A 210 -17.07 -4.75 23.02
CA ALA A 210 -17.81 -4.24 24.17
C ALA A 210 -18.32 -5.40 25.03
N ALA A 211 -18.87 -6.42 24.40
CA ALA A 211 -19.37 -7.59 25.11
C ALA A 211 -18.20 -8.33 25.77
N GLY A 212 -17.07 -8.40 25.08
CA GLY A 212 -15.92 -9.12 25.60
C GLY A 212 -15.32 -8.42 26.81
N ARG A 213 -15.32 -7.10 26.79
CA ARG A 213 -14.85 -6.33 27.93
C ARG A 213 -15.78 -6.49 29.12
N ALA A 214 -17.08 -6.40 28.87
CA ALA A 214 -18.07 -6.53 29.92
C ALA A 214 -17.98 -7.92 30.57
N GLU A 215 -17.82 -8.95 29.75
CA GLU A 215 -17.72 -10.31 30.27
C GLU A 215 -16.47 -10.49 31.09
N TRP A 216 -15.36 -9.94 30.62
CA TRP A 216 -14.09 -10.03 31.36
C TRP A 216 -14.23 -9.39 32.73
N CYS A 217 -14.92 -8.25 32.80
CA CYS A 217 -15.00 -7.47 34.03
C CYS A 217 -15.96 -8.03 35.07
N ALA A 218 -16.74 -9.05 34.70
CA ALA A 218 -17.60 -9.72 35.66
C ALA A 218 -16.77 -10.41 36.74
N ALA A 219 -16.93 -9.96 37.98
CA ALA A 219 -16.21 -10.58 39.10
C ALA A 219 -16.85 -11.91 39.48
N ALA A 220 -16.03 -12.86 39.91
N SER B 7 20.51 -0.20 -5.68
CA SER B 7 20.59 -1.25 -6.69
C SER B 7 19.89 -2.51 -6.17
N ALA B 8 20.47 -3.14 -5.16
CA ALA B 8 19.76 -4.17 -4.44
C ALA B 8 18.64 -3.51 -3.66
N VAL B 9 18.96 -2.40 -3.01
CA VAL B 9 18.00 -1.65 -2.21
C VAL B 9 17.07 -0.82 -3.10
N HIS B 10 17.60 -0.21 -4.16
CA HIS B 10 16.75 0.62 -5.00
C HIS B 10 16.96 0.36 -6.49
N PRO B 11 16.52 -0.82 -6.97
CA PRO B 11 16.64 -1.16 -8.39
C PRO B 11 15.97 -0.14 -9.29
N GLY B 12 16.62 0.18 -10.41
CA GLY B 12 16.06 1.13 -11.35
C GLY B 12 16.13 2.58 -10.92
N TRP B 13 16.88 2.87 -9.87
CA TRP B 13 17.05 4.23 -9.37
C TRP B 13 18.49 4.49 -8.97
N PRO B 14 19.04 5.66 -9.35
CA PRO B 14 18.44 6.64 -10.25
C PRO B 14 18.60 6.21 -11.70
N ASP B 15 17.74 6.71 -12.58
CA ASP B 15 17.82 6.38 -13.99
C ASP B 15 17.04 7.43 -14.76
N THR B 16 17.20 7.43 -16.07
CA THR B 16 16.31 8.18 -16.94
C THR B 16 15.45 7.19 -17.71
N VAL B 17 14.34 7.68 -18.26
CA VAL B 17 13.47 6.84 -19.09
C VAL B 17 13.19 7.59 -20.38
N GLY B 18 13.17 6.86 -21.50
CA GLY B 18 13.02 7.51 -22.78
C GLY B 18 14.39 7.89 -23.30
N PRO B 19 14.46 8.90 -24.18
CA PRO B 19 13.36 9.75 -24.63
C PRO B 19 12.46 9.09 -25.67
N LEU B 20 11.24 9.58 -25.77
CA LEU B 20 10.32 9.22 -26.85
C LEU B 20 10.05 10.46 -27.68
N ARG B 21 9.71 10.27 -28.95
CA ARG B 21 9.09 11.36 -29.69
C ARG B 21 7.62 11.01 -29.89
N VAL B 22 6.77 11.88 -29.36
CA VAL B 22 5.32 11.73 -29.41
C VAL B 22 4.76 13.02 -30.03
N PRO B 23 3.44 13.09 -30.27
CA PRO B 23 2.95 14.30 -30.95
C PRO B 23 3.33 15.63 -30.28
N ALA B 24 3.38 15.68 -28.95
CA ALA B 24 3.71 16.93 -28.25
C ALA B 24 5.17 17.34 -28.37
N GLY B 25 6.03 16.39 -28.71
CA GLY B 25 7.47 16.66 -28.80
C GLY B 25 8.28 15.54 -28.19
N VAL B 26 9.46 15.86 -27.67
CA VAL B 26 10.32 14.85 -27.06
C VAL B 26 9.99 14.77 -25.57
N VAL B 27 9.60 13.59 -25.12
CA VAL B 27 9.28 13.39 -23.71
CA VAL B 27 9.28 13.41 -23.71
C VAL B 27 10.21 12.37 -23.06
N GLY B 28 10.51 12.59 -21.79
CA GLY B 28 11.38 11.70 -21.06
C GLY B 28 11.10 11.84 -19.57
N LEU B 29 11.62 10.90 -18.80
CA LEU B 29 11.58 10.96 -17.33
C LEU B 29 12.99 11.02 -16.79
N ARG B 30 13.20 11.85 -15.77
CA ARG B 30 14.50 11.86 -15.10
C ARG B 30 14.30 12.27 -13.63
N PRO B 31 15.30 12.00 -12.78
CA PRO B 31 15.09 12.26 -11.35
C PRO B 31 14.85 13.72 -10.97
N VAL B 32 13.99 13.94 -9.98
CA VAL B 32 13.87 15.27 -9.38
C VAL B 32 15.23 15.78 -8.89
N ARG B 33 15.42 17.09 -8.95
CA ARG B 33 16.66 17.68 -8.45
C ARG B 33 16.40 19.08 -7.90
N MET B 34 17.36 19.59 -7.13
CA MET B 34 17.18 20.85 -6.42
C MET B 34 16.83 22.02 -7.34
N ARG B 35 17.44 22.06 -8.53
CA ARG B 35 17.22 23.19 -9.41
C ARG B 35 15.84 23.21 -10.09
N ASP B 36 15.02 22.21 -9.80
CA ASP B 36 13.64 22.22 -10.28
C ASP B 36 12.72 23.18 -9.54
N ALA B 37 13.24 23.84 -8.49
CA ALA B 37 12.41 24.68 -7.62
C ALA B 37 11.60 25.71 -8.40
N ALA B 38 12.26 26.45 -9.29
CA ALA B 38 11.58 27.51 -10.03
C ALA B 38 10.44 27.00 -10.90
N ALA B 39 10.68 25.95 -11.66
CA ALA B 39 9.67 25.45 -12.58
C ALA B 39 8.52 24.80 -11.80
N TRP B 40 8.87 24.01 -10.80
CA TRP B 40 7.89 23.36 -9.95
C TRP B 40 6.97 24.40 -9.30
N SER B 41 7.57 25.43 -8.71
CA SER B 41 6.81 26.49 -8.05
C SER B 41 5.89 27.19 -9.04
N ARG B 42 6.43 27.62 -10.17
CA ARG B 42 5.64 28.35 -11.16
C ARG B 42 4.41 27.57 -11.60
N ILE B 43 4.58 26.31 -11.95
CA ILE B 43 3.47 25.51 -12.44
C ILE B 43 2.45 25.18 -11.35
N ARG B 44 2.94 24.78 -10.18
CA ARG B 44 2.04 24.41 -9.08
C ARG B 44 1.21 25.62 -8.62
N LEU B 45 1.83 26.79 -8.58
CA LEU B 45 1.10 28.00 -8.23
C LEU B 45 0.06 28.34 -9.31
N ALA B 46 0.46 28.30 -10.57
CA ALA B 46 -0.44 28.64 -11.67
C ALA B 46 -1.61 27.68 -11.78
N ASP B 47 -1.36 26.40 -11.50
CA ASP B 47 -2.37 25.39 -11.71
C ASP B 47 -3.09 24.99 -10.42
N GLN B 48 -3.09 25.88 -9.42
CA GLN B 48 -3.74 25.58 -8.15
C GLN B 48 -5.16 25.05 -8.33
N HIS B 49 -5.95 25.68 -9.19
CA HIS B 49 -7.35 25.29 -9.35
C HIS B 49 -7.50 23.93 -10.02
N HIS B 50 -6.48 23.51 -10.78
CA HIS B 50 -6.48 22.20 -11.41
C HIS B 50 -6.03 21.12 -10.43
N LEU B 51 -5.18 21.49 -9.49
CA LEU B 51 -4.47 20.51 -8.65
C LEU B 51 -4.99 20.38 -7.22
N GLU B 52 -5.14 21.49 -6.52
CA GLU B 52 -5.48 21.46 -5.10
C GLU B 52 -6.73 20.65 -4.76
N PRO B 53 -7.82 20.78 -5.54
CA PRO B 53 -9.01 20.01 -5.14
C PRO B 53 -9.00 18.56 -5.60
N TRP B 54 -7.92 18.12 -6.23
CA TRP B 54 -7.85 16.76 -6.72
C TRP B 54 -6.70 16.00 -6.09
N GLU B 55 -5.99 16.66 -5.18
CA GLU B 55 -4.86 16.05 -4.49
C GLU B 55 -5.19 15.92 -3.00
N PRO B 56 -4.54 14.96 -2.33
CA PRO B 56 -4.72 14.79 -0.89
C PRO B 56 -4.48 16.10 -0.15
N MET B 57 -5.31 16.38 0.85
CA MET B 57 -5.16 17.59 1.66
C MET B 57 -3.84 17.57 2.42
N THR B 58 -3.19 18.72 2.50
CA THR B 58 -1.89 18.82 3.13
C THR B 58 -1.95 19.59 4.44
N GLY B 59 -3.06 20.28 4.68
CA GLY B 59 -3.20 21.14 5.84
C GLY B 59 -2.40 22.43 5.74
N MET B 60 -1.84 22.69 4.56
CA MET B 60 -1.01 23.87 4.36
C MET B 60 -1.64 24.85 3.38
N ASP B 61 -1.29 26.12 3.54
CA ASP B 61 -1.63 27.14 2.57
C ASP B 61 -0.93 26.82 1.24
N TRP B 62 -1.69 26.80 0.15
CA TRP B 62 -1.14 26.40 -1.16
C TRP B 62 0.06 27.25 -1.61
N LYS B 63 -0.06 28.56 -1.45
CA LYS B 63 1.01 29.45 -1.93
C LYS B 63 2.25 29.36 -1.04
N VAL B 64 2.05 29.17 0.26
CA VAL B 64 3.17 28.98 1.16
C VAL B 64 3.90 27.69 0.82
N ARG B 65 3.12 26.63 0.62
CA ARG B 65 3.65 25.32 0.28
C ARG B 65 4.46 25.35 -1.01
N HIS B 66 4.03 26.15 -1.98
CA HIS B 66 4.64 26.07 -3.31
C HIS B 66 5.54 27.24 -3.65
N ALA B 67 5.96 27.97 -2.64
CA ALA B 67 7.04 28.94 -2.79
C ALA B 67 8.30 28.20 -3.25
N VAL B 68 9.13 28.88 -4.04
CA VAL B 68 10.39 28.32 -4.50
C VAL B 68 11.23 27.78 -3.35
N THR B 69 11.23 28.49 -2.22
CA THR B 69 12.01 28.09 -1.06
C THR B 69 11.54 26.80 -0.38
N SER B 70 10.35 26.33 -0.74
CA SER B 70 9.81 25.09 -0.17
C SER B 70 10.34 23.83 -0.85
N TRP B 71 10.80 23.95 -2.08
CA TRP B 71 11.18 22.76 -2.85
C TRP B 71 12.37 21.97 -2.27
N PRO B 72 13.43 22.63 -1.77
CA PRO B 72 14.57 21.83 -1.30
C PRO B 72 14.22 20.74 -0.29
N SER B 73 13.40 21.05 0.70
CA SER B 73 13.03 20.05 1.70
C SER B 73 12.21 18.93 1.08
N ILE B 74 11.33 19.29 0.14
CA ILE B 74 10.49 18.31 -0.53
C ILE B 74 11.32 17.40 -1.41
N CYS B 75 12.19 18.00 -2.21
CA CYS B 75 13.07 17.26 -3.10
C CYS B 75 13.95 16.31 -2.29
N SER B 76 14.54 16.82 -1.23
CA SER B 76 15.38 16.02 -0.35
CA SER B 76 15.39 16.02 -0.36
C SER B 76 14.62 14.83 0.21
N GLY B 77 13.37 15.05 0.61
CA GLY B 77 12.54 14.00 1.16
C GLY B 77 12.27 12.92 0.14
N LEU B 78 11.92 13.33 -1.08
CA LEU B 78 11.64 12.39 -2.16
C LEU B 78 12.88 11.56 -2.48
N ARG B 79 14.03 12.21 -2.55
CA ARG B 79 15.26 11.50 -2.88
C ARG B 79 15.69 10.57 -1.74
N ALA B 80 15.36 10.93 -0.50
CA ALA B 80 15.65 10.04 0.64
C ALA B 80 14.82 8.76 0.54
N GLU B 81 13.52 8.90 0.26
CA GLU B 81 12.68 7.73 0.06
C GLU B 81 13.18 6.88 -1.09
N ALA B 82 13.66 7.52 -2.16
CA ALA B 82 14.18 6.77 -3.30
C ALA B 82 15.45 6.00 -2.95
N ARG B 83 16.29 6.59 -2.09
CA ARG B 83 17.49 5.91 -1.60
C ARG B 83 17.17 4.64 -0.82
N HIS B 84 16.00 4.63 -0.20
CA HIS B 84 15.53 3.47 0.55
C HIS B 84 14.70 2.52 -0.32
N GLY B 85 14.56 2.85 -1.60
CA GLY B 85 13.84 1.97 -2.52
C GLY B 85 12.32 2.01 -2.38
N ARG B 86 11.80 3.03 -1.71
CA ARG B 86 10.37 3.10 -1.46
C ARG B 86 9.61 3.97 -2.46
N MET B 87 10.34 4.81 -3.21
CA MET B 87 9.75 5.71 -4.21
C MET B 87 10.69 5.86 -5.37
N LEU B 88 10.14 6.18 -6.54
CA LEU B 88 10.95 6.70 -7.66
C LEU B 88 10.33 8.02 -8.12
N PRO B 89 10.91 9.14 -7.68
CA PRO B 89 10.36 10.46 -7.98
C PRO B 89 10.94 11.06 -9.26
N PHE B 90 10.20 10.91 -10.36
CA PHE B 90 10.62 11.45 -11.65
C PHE B 90 9.98 12.77 -11.98
N VAL B 91 10.69 13.52 -12.80
CA VAL B 91 10.18 14.70 -13.50
C VAL B 91 9.82 14.30 -14.92
N ILE B 92 8.67 14.79 -15.39
CA ILE B 92 8.30 14.68 -16.79
C ILE B 92 8.90 15.84 -17.56
N GLU B 93 9.76 15.55 -18.54
CA GLU B 93 10.32 16.58 -19.41
C GLU B 93 9.62 16.59 -20.77
N LEU B 94 9.35 17.79 -21.25
CA LEU B 94 8.94 18.01 -22.65
C LEU B 94 10.01 18.89 -23.28
N ASP B 95 10.68 18.36 -24.30
CA ASP B 95 11.79 19.06 -24.95
C ASP B 95 12.77 19.61 -23.90
N GLY B 96 13.07 18.77 -22.92
CA GLY B 96 14.03 19.10 -21.88
C GLY B 96 13.54 19.95 -20.72
N GLU B 97 12.31 20.43 -20.79
CA GLU B 97 11.75 21.31 -19.76
C GLU B 97 10.88 20.55 -18.79
N PHE B 98 11.06 20.84 -17.49
CA PHE B 98 10.16 20.36 -16.43
C PHE B 98 8.72 20.73 -16.80
N VAL B 99 7.84 19.74 -16.96
CA VAL B 99 6.43 20.05 -17.16
C VAL B 99 5.51 19.30 -16.21
N GLY B 100 6.10 18.61 -15.24
CA GLY B 100 5.31 17.86 -14.27
C GLY B 100 6.12 16.79 -13.59
N GLN B 101 5.43 15.97 -12.80
CA GLN B 101 6.07 14.87 -12.09
C GLN B 101 5.35 13.56 -12.34
N LEU B 102 6.14 12.49 -12.36
CA LEU B 102 5.65 11.13 -12.47
C LEU B 102 6.26 10.43 -11.26
N THR B 103 5.42 10.01 -10.32
CA THR B 103 5.91 9.49 -9.06
C THR B 103 5.46 8.05 -8.85
N ILE B 104 6.44 7.19 -8.60
CA ILE B 104 6.18 5.81 -8.19
CA ILE B 104 6.16 5.82 -8.20
C ILE B 104 6.32 5.75 -6.68
N GLY B 105 5.31 5.25 -5.99
CA GLY B 105 5.34 5.26 -4.53
C GLY B 105 4.91 3.97 -3.87
N ASN B 106 5.15 3.87 -2.57
CA ASN B 106 4.82 2.69 -1.78
C ASN B 106 5.36 1.42 -2.44
N VAL B 107 6.61 1.49 -2.88
CA VAL B 107 7.21 0.38 -3.58
C VAL B 107 7.49 -0.79 -2.63
N THR B 108 7.06 -1.98 -3.03
CA THR B 108 7.35 -3.21 -2.30
C THR B 108 7.97 -4.22 -3.25
N HIS B 109 8.70 -5.18 -2.70
CA HIS B 109 9.17 -6.28 -3.51
C HIS B 109 8.65 -7.57 -2.89
N GLY B 110 9.51 -8.53 -2.58
CA GLY B 110 9.05 -9.77 -1.97
C GLY B 110 8.02 -10.48 -2.86
N ALA B 111 6.91 -10.86 -2.25
CA ALA B 111 5.85 -11.59 -2.97
C ALA B 111 4.76 -10.68 -3.48
N LEU B 112 4.96 -9.36 -3.33
CA LEU B 112 3.99 -8.37 -3.78
C LEU B 112 4.49 -7.63 -5.03
N ARG B 113 5.67 -7.02 -4.94
CA ARG B 113 6.28 -6.37 -6.10
CA ARG B 113 6.29 -6.35 -6.08
C ARG B 113 5.31 -5.39 -6.75
N SER B 114 4.73 -4.51 -5.94
CA SER B 114 3.72 -3.58 -6.41
C SER B 114 4.06 -2.17 -5.95
N ALA B 115 3.44 -1.18 -6.58
CA ALA B 115 3.63 0.22 -6.19
C ALA B 115 2.45 1.00 -6.73
N TRP B 116 2.26 2.23 -6.26
CA TRP B 116 1.30 3.11 -6.92
C TRP B 116 2.04 4.09 -7.83
N ILE B 117 1.28 4.69 -8.74
CA ILE B 117 1.82 5.69 -9.65
C ILE B 117 0.93 6.92 -9.61
N GLY B 118 1.54 8.08 -9.60
CA GLY B 118 0.81 9.34 -9.67
C GLY B 118 1.49 10.27 -10.66
N TYR B 119 0.75 11.24 -11.16
CA TYR B 119 1.28 12.15 -12.17
C TYR B 119 0.54 13.47 -12.15
N TRP B 120 1.20 14.51 -12.65
CA TRP B 120 0.54 15.75 -13.03
C TRP B 120 1.38 16.41 -14.09
N VAL B 121 0.72 17.13 -15.00
CA VAL B 121 1.35 17.83 -16.10
C VAL B 121 0.81 19.27 -16.14
N ALA B 122 1.71 20.23 -16.37
CA ALA B 122 1.35 21.64 -16.55
C ALA B 122 0.22 21.82 -17.56
N SER B 123 -0.82 22.55 -17.16
CA SER B 123 -1.95 22.79 -18.07
C SER B 123 -1.56 23.68 -19.26
N SER B 124 -0.48 24.44 -19.11
CA SER B 124 -0.03 25.33 -20.18
C SER B 124 0.50 24.56 -21.39
N ARG B 125 0.90 23.31 -21.20
CA ARG B 125 1.36 22.49 -22.31
C ARG B 125 0.20 21.73 -22.91
N THR B 126 -0.22 22.14 -24.09
CA THR B 126 -1.47 21.62 -24.67
C THR B 126 -1.25 20.58 -25.78
N GLY B 127 0.01 20.17 -25.96
CA GLY B 127 0.34 19.22 -27.02
C GLY B 127 -0.38 17.87 -26.99
N GLY B 128 -0.84 17.47 -25.80
CA GLY B 128 -1.59 16.23 -25.67
C GLY B 128 -0.71 14.99 -25.68
N GLY B 129 -1.10 13.97 -24.91
CA GLY B 129 -0.35 12.72 -24.84
C GLY B 129 0.91 12.77 -23.98
N ILE B 130 1.07 13.86 -23.23
CA ILE B 130 2.24 13.98 -22.34
C ILE B 130 2.05 13.07 -21.14
N ALA B 131 0.86 13.13 -20.54
CA ALA B 131 0.55 12.30 -19.38
C ALA B 131 0.55 10.82 -19.73
N THR B 132 -0.11 10.45 -20.83
CA THR B 132 -0.09 9.05 -21.24
C THR B 132 1.34 8.56 -21.52
N ALA B 133 2.18 9.37 -22.16
CA ALA B 133 3.56 8.95 -22.42
C ALA B 133 4.32 8.75 -21.11
N ALA B 134 4.11 9.67 -20.17
CA ALA B 134 4.76 9.57 -18.87
C ALA B 134 4.37 8.29 -18.15
N LEU B 135 3.06 7.98 -18.14
CA LEU B 135 2.60 6.76 -17.49
C LEU B 135 3.16 5.53 -18.20
N ALA B 136 3.16 5.54 -19.53
CA ALA B 136 3.65 4.42 -20.29
C ALA B 136 5.13 4.17 -20.05
N MET B 137 5.92 5.24 -20.02
CA MET B 137 7.33 5.12 -19.66
C MET B 137 7.51 4.61 -18.25
N GLY B 138 6.71 5.13 -17.32
CA GLY B 138 6.79 4.70 -15.93
C GLY B 138 6.52 3.20 -15.82
N LEU B 139 5.47 2.74 -16.51
CA LEU B 139 5.13 1.31 -16.46
C LEU B 139 6.25 0.45 -17.03
N ASP B 140 6.80 0.85 -18.17
CA ASP B 140 7.87 0.06 -18.78
C ASP B 140 9.08 -0.02 -17.83
N HIS B 141 9.42 1.10 -17.21
CA HIS B 141 10.54 1.13 -16.30
C HIS B 141 10.28 0.26 -15.07
N CYS B 142 9.07 0.36 -14.52
CA CYS B 142 8.73 -0.41 -13.33
C CYS B 142 8.76 -1.91 -13.59
N PHE B 143 8.28 -2.33 -14.74
CA PHE B 143 8.17 -3.77 -15.03
C PHE B 143 9.47 -4.34 -15.61
N THR B 144 10.48 -3.51 -15.77
CA THR B 144 11.79 -3.99 -16.20
C THR B 144 12.82 -3.68 -15.10
N ALA B 145 13.36 -2.47 -15.11
CA ALA B 145 14.44 -2.08 -14.21
C ALA B 145 14.08 -2.19 -12.71
N VAL B 146 12.85 -1.88 -12.35
CA VAL B 146 12.49 -1.90 -10.93
C VAL B 146 12.05 -3.30 -10.50
N GLN B 147 11.89 -4.19 -11.49
CA GLN B 147 11.55 -5.61 -11.26
C GLN B 147 10.20 -5.75 -10.55
N LEU B 148 9.28 -4.83 -10.82
CA LEU B 148 7.96 -4.91 -10.22
C LEU B 148 7.02 -5.76 -11.06
N HIS B 149 5.95 -6.21 -10.42
CA HIS B 149 4.94 -7.05 -11.03
C HIS B 149 3.61 -6.31 -11.28
N ARG B 150 3.37 -5.25 -10.50
CA ARG B 150 2.07 -4.59 -10.54
C ARG B 150 2.21 -3.10 -10.25
N ILE B 151 1.43 -2.28 -10.96
CA ILE B 151 1.33 -0.87 -10.66
C ILE B 151 -0.15 -0.51 -10.55
N GLU B 152 -0.48 0.25 -9.51
CA GLU B 152 -1.86 0.68 -9.30
C GLU B 152 -1.93 2.20 -9.22
N ALA B 153 -3.14 2.73 -9.31
CA ALA B 153 -3.35 4.17 -9.15
C ALA B 153 -4.72 4.37 -8.53
N THR B 154 -4.90 5.51 -7.87
CA THR B 154 -6.21 5.83 -7.32
C THR B 154 -6.71 7.13 -7.95
N VAL B 155 -8.01 7.17 -8.24
CA VAL B 155 -8.56 8.31 -8.96
C VAL B 155 -10.03 8.47 -8.57
N ARG B 156 -10.44 9.70 -8.28
CA ARG B 156 -11.84 9.94 -7.94
C ARG B 156 -12.73 9.66 -9.13
N PRO B 157 -13.92 9.07 -8.88
CA PRO B 157 -14.86 8.83 -9.97
C PRO B 157 -15.17 10.11 -10.75
N GLU B 158 -15.15 11.25 -10.06
CA GLU B 158 -15.47 12.54 -10.68
C GLU B 158 -14.35 13.11 -11.55
N ASN B 159 -13.16 12.52 -11.45
CA ASN B 159 -12.01 13.00 -12.21
C ASN B 159 -12.01 12.39 -13.61
N THR B 160 -12.92 12.88 -14.45
CA THR B 160 -13.11 12.35 -15.78
C THR B 160 -11.83 12.36 -16.63
N PRO B 161 -11.06 13.46 -16.62
CA PRO B 161 -9.87 13.45 -17.47
C PRO B 161 -8.83 12.43 -17.03
N SER B 162 -8.62 12.29 -15.73
CA SER B 162 -7.60 11.36 -15.27
C SER B 162 -8.04 9.92 -15.51
N ARG B 163 -9.32 9.61 -15.29
CA ARG B 163 -9.82 8.28 -15.60
C ARG B 163 -9.57 7.91 -17.06
N ALA B 164 -9.77 8.87 -17.96
CA ALA B 164 -9.53 8.63 -19.39
C ALA B 164 -8.05 8.37 -19.69
N VAL B 165 -7.16 9.14 -19.08
CA VAL B 165 -5.73 8.96 -19.26
C VAL B 165 -5.29 7.57 -18.79
N LEU B 166 -5.72 7.19 -17.60
CA LEU B 166 -5.35 5.88 -17.03
C LEU B 166 -5.92 4.74 -17.86
N ALA B 167 -7.18 4.87 -18.25
CA ALA B 167 -7.80 3.84 -19.09
C ALA B 167 -7.07 3.70 -20.42
N HIS B 168 -6.68 4.84 -20.98
CA HIS B 168 -6.06 4.83 -22.30
C HIS B 168 -4.82 3.93 -22.35
N VAL B 169 -3.98 3.99 -21.32
CA VAL B 169 -2.74 3.25 -21.38
C VAL B 169 -2.89 1.79 -20.93
N GLY B 170 -4.04 1.43 -20.36
CA GLY B 170 -4.34 0.03 -20.09
C GLY B 170 -4.68 -0.32 -18.66
N PHE B 171 -4.82 0.67 -17.78
CA PHE B 171 -5.22 0.38 -16.41
C PHE B 171 -6.64 -0.16 -16.38
N ARG B 172 -6.86 -1.18 -15.54
CA ARG B 172 -8.16 -1.79 -15.31
C ARG B 172 -8.76 -1.28 -14.01
N GLU B 173 -10.05 -0.98 -13.99
CA GLU B 173 -10.72 -0.73 -12.70
C GLU B 173 -10.80 -2.03 -11.89
N GLU B 174 -10.31 -1.98 -10.65
CA GLU B 174 -10.38 -3.16 -9.77
C GLU B 174 -11.33 -2.98 -8.61
N GLY B 175 -11.63 -1.75 -8.23
CA GLY B 175 -12.50 -1.55 -7.10
C GLY B 175 -12.82 -0.12 -6.80
N LEU B 176 -13.69 0.06 -5.80
CA LEU B 176 -14.05 1.38 -5.34
C LEU B 176 -13.73 1.48 -3.85
N LEU B 177 -12.76 2.32 -3.54
CA LEU B 177 -12.29 2.51 -2.17
C LEU B 177 -13.12 3.60 -1.50
N LYS B 178 -13.96 3.22 -0.56
CA LYS B 178 -14.88 4.17 0.07
C LYS B 178 -14.17 5.11 1.04
N ARG B 179 -14.47 6.41 0.94
CA ARG B 179 -13.95 7.39 1.89
C ARG B 179 -12.44 7.25 2.07
N TYR B 180 -11.73 7.14 0.96
CA TYR B 180 -10.35 6.67 0.96
C TYR B 180 -9.31 7.73 1.36
N LEU B 181 -9.36 8.87 0.69
CA LEU B 181 -8.41 9.95 0.91
C LEU B 181 -9.12 11.25 1.25
N GLU B 182 -8.55 12.02 2.18
CA GLU B 182 -9.03 13.37 2.45
C GLU B 182 -8.67 14.29 1.29
N VAL B 183 -9.67 14.67 0.50
CA VAL B 183 -9.48 15.48 -0.69
C VAL B 183 -10.60 16.53 -0.75
N ASP B 184 -10.22 17.80 -0.91
CA ASP B 184 -11.19 18.88 -1.08
C ASP B 184 -12.22 18.91 0.06
N GLY B 185 -11.74 18.78 1.29
CA GLY B 185 -12.56 18.96 2.47
C GLY B 185 -13.40 17.80 2.96
N ALA B 186 -13.18 16.60 2.41
CA ALA B 186 -13.92 15.42 2.85
C ALA B 186 -13.16 14.14 2.53
N TRP B 187 -13.52 13.06 3.20
CA TRP B 187 -13.05 11.72 2.81
C TRP B 187 -13.77 11.29 1.54
N ARG B 188 -13.02 11.14 0.46
CA ARG B 188 -13.59 10.92 -0.86
C ARG B 188 -13.36 9.51 -1.39
N ASP B 189 -14.39 8.91 -1.97
CA ASP B 189 -14.24 7.66 -2.69
C ASP B 189 -13.19 7.80 -3.81
N HIS B 190 -12.36 6.77 -3.95
CA HIS B 190 -11.44 6.69 -5.08
C HIS B 190 -11.58 5.35 -5.75
N LEU B 191 -11.63 5.34 -7.07
CA LEU B 191 -11.46 4.11 -7.82
C LEU B 191 -10.03 3.63 -7.69
N LEU B 192 -9.87 2.32 -7.57
CA LEU B 192 -8.57 1.69 -7.66
C LEU B 192 -8.41 1.07 -9.05
N VAL B 193 -7.36 1.47 -9.76
CA VAL B 193 -7.07 0.87 -11.06
C VAL B 193 -5.69 0.24 -11.05
N ALA B 194 -5.46 -0.73 -11.91
CA ALA B 194 -4.19 -1.46 -11.88
C ALA B 194 -3.85 -2.12 -13.20
N ILE B 195 -2.57 -2.46 -13.34
CA ILE B 195 -2.11 -3.25 -14.47
C ILE B 195 -0.94 -4.09 -13.96
N THR B 196 -0.79 -5.31 -14.46
CA THR B 196 0.33 -6.15 -14.05
C THR B 196 1.26 -6.45 -15.23
N ALA B 197 2.45 -6.95 -14.93
CA ALA B 197 3.50 -7.11 -15.93
C ALA B 197 3.10 -8.04 -17.07
N GLU B 198 2.29 -9.05 -16.78
CA GLU B 198 1.81 -9.96 -17.82
C GLU B 198 1.04 -9.23 -18.92
N GLU B 199 0.41 -8.11 -18.56
CA GLU B 199 -0.42 -7.36 -19.49
C GLU B 199 0.34 -6.36 -20.34
N LEU B 200 1.57 -6.03 -19.96
CA LEU B 200 2.24 -4.91 -20.62
C LEU B 200 2.49 -5.15 -22.11
N PRO B 201 3.00 -6.34 -22.52
CA PRO B 201 3.31 -6.47 -23.95
C PRO B 201 2.14 -6.22 -24.90
N GLN B 202 0.92 -6.53 -24.49
CA GLN B 202 -0.24 -6.34 -25.36
C GLN B 202 -1.00 -5.04 -25.07
N SER B 203 -0.43 -4.21 -24.20
CA SER B 203 -1.12 -3.01 -23.77
C SER B 203 -0.88 -1.81 -24.68
N ALA B 204 -1.76 -0.82 -24.57
CA ALA B 204 -1.58 0.44 -25.26
C ALA B 204 -0.31 1.13 -24.77
N ALA B 205 0.02 0.95 -23.49
CA ALA B 205 1.24 1.52 -22.95
C ALA B 205 2.47 1.03 -23.71
N HIS B 206 2.52 -0.27 -23.98
CA HIS B 206 3.64 -0.78 -24.76
C HIS B 206 3.65 -0.20 -26.18
N ARG B 207 2.48 -0.11 -26.81
CA ARG B 207 2.44 0.40 -28.18
C ARG B 207 2.90 1.85 -28.21
N LEU B 208 2.55 2.60 -27.16
CA LEU B 208 2.95 4.01 -27.09
C LEU B 208 4.47 4.13 -26.99
N VAL B 209 5.08 3.36 -26.10
CA VAL B 209 6.52 3.43 -25.93
C VAL B 209 7.26 2.94 -27.17
N ALA B 210 6.79 1.83 -27.76
CA ALA B 210 7.44 1.29 -28.96
C ALA B 210 7.37 2.29 -30.11
N ALA B 211 6.21 2.89 -30.34
CA ALA B 211 6.09 3.87 -31.40
C ALA B 211 6.93 5.11 -31.10
N GLY B 212 6.95 5.51 -29.82
CA GLY B 212 7.70 6.69 -29.41
C GLY B 212 9.20 6.53 -29.61
N ARG B 213 9.69 5.33 -29.33
CA ARG B 213 11.10 5.03 -29.54
CA ARG B 213 11.10 5.01 -29.55
C ARG B 213 11.41 4.98 -31.03
N ALA B 214 10.55 4.33 -31.81
CA ALA B 214 10.75 4.24 -33.26
C ALA B 214 10.79 5.64 -33.88
N GLU B 215 9.88 6.49 -33.45
CA GLU B 215 9.81 7.84 -33.98
C GLU B 215 11.05 8.64 -33.58
N TRP B 216 11.47 8.50 -32.32
CA TRP B 216 12.66 9.19 -31.84
C TRP B 216 13.88 8.76 -32.65
N CYS B 217 13.98 7.48 -32.96
CA CYS B 217 15.15 6.93 -33.61
C CYS B 217 15.24 7.22 -35.11
N ALA B 218 14.16 7.74 -35.69
CA ALA B 218 14.17 8.09 -37.11
C ALA B 218 15.14 9.24 -37.37
N ALA B 219 16.16 8.99 -38.19
CA ALA B 219 17.12 10.02 -38.57
C ALA B 219 16.51 10.95 -39.61
N ALA B 220 16.96 12.21 -39.61
C1 GOL C . 6.93 -4.08 24.05
C1 GOL C . 6.96 -4.34 23.98
O1 GOL C . 8.02 -3.32 23.57
O1 GOL C . 8.23 -3.74 23.78
C2 GOL C . 7.51 -5.23 24.86
C2 GOL C . 7.12 -5.70 24.65
O2 GOL C . 8.85 -4.96 25.21
O2 GOL C . 7.67 -6.61 23.73
C3 GOL C . 7.51 -6.43 23.94
C3 GOL C . 8.02 -5.60 25.88
O3 GOL C . 7.87 -7.55 24.69
O3 GOL C . 9.39 -5.53 25.51
C1 GOL D . -2.90 -21.91 30.30
O1 GOL D . -3.65 -20.74 30.49
C2 GOL D . -3.60 -22.79 29.26
O2 GOL D . -2.80 -23.91 28.97
C3 GOL D . -4.94 -23.25 29.83
O3 GOL D . -5.66 -23.94 28.85
C1 GOL E . -10.66 -13.64 33.83
O1 GOL E . -10.57 -13.83 35.23
C2 GOL E . -11.72 -12.58 33.65
O2 GOL E . -12.91 -13.33 33.54
C3 GOL E . -11.60 -11.70 34.92
O3 GOL E . -12.76 -11.70 35.72
CL CL F . -12.96 -16.87 14.51
CL CL G . -7.06 -12.28 32.53
CL CL H . 3.79 -7.99 26.40
C1 GOL I . -4.36 -1.93 -2.30
C1 GOL I . -4.78 -1.92 -1.78
O1 GOL I . -3.46 -2.41 -3.28
O1 GOL I . -3.73 -1.99 -0.85
C2 GOL I . -4.71 -0.48 -2.61
C2 GOL I . -4.70 -0.61 -2.54
O2 GOL I . -3.61 0.37 -2.36
O2 GOL I . -3.47 0.02 -2.22
C3 GOL I . -5.85 -0.03 -1.71
C3 GOL I . -5.83 0.30 -2.09
O3 GOL I . -5.29 0.52 -0.54
O3 GOL I . -5.80 0.40 -0.69
C1 GOL J . 12.83 24.21 -25.11
O1 GOL J . 13.09 22.99 -25.77
C2 GOL J . 11.77 25.03 -25.83
O2 GOL J . 11.06 25.80 -24.88
C3 GOL J . 10.83 24.20 -26.69
O3 GOL J . 9.54 24.76 -26.75
C1 GOL K . 3.95 17.97 -6.05
O1 GOL K . 5.36 18.01 -5.94
C2 GOL K . 3.46 16.52 -5.95
O2 GOL K . 3.97 15.73 -7.01
C3 GOL K . 1.93 16.50 -5.96
O3 GOL K . 1.46 15.18 -6.00
#